data_7TKX
#
_entry.id   7TKX
#
_cell.length_a   30.250
_cell.length_b   76.380
_cell.length_c   111.300
_cell.angle_alpha   90.000
_cell.angle_beta   90.000
_cell.angle_gamma   90.000
#
_symmetry.space_group_name_H-M   'P 21 21 21'
#
loop_
_entity.id
_entity.type
_entity.pdbx_description
1 polymer Galectin-7
2 non-polymer '(2~{R},3~{R},4~{R},5~{R})-4-[(2~{S},3~{R},4~{S},5~{R},6~{R})-6-(hydroxymethyl)-3,4,5-tris(oxidanyl)oxan-2-yl]oxy-2,3,5, 6-tetrakis(oxidanyl)hexanal'
3 non-polymer 1,2-ETHANEDIOL
4 non-polymer GLYCEROL
5 water water
#
_entity_poly.entity_id   1
_entity_poly.type   'polypeptide(L)'
_entity_poly.pdbx_seq_one_letter_code
;SNVPHKSSLPEGIAPGTVLRIRGLVPPNASRFHVNLLCGEEQGSDAALHFNPRLDTSEVVFNSKEQGSWGREERGPGVPF
QRGQPFEVLIIASDDGFKAVVGDAQYHHFRHRLPLARVRLVEVGGDVQLDSVRIF
;
_entity_poly.pdbx_strand_id   A,B
#
loop_
_chem_comp.id
_chem_comp.type
_chem_comp.name
_chem_comp.formula
EDO non-polymer 1,2-ETHANEDIOL 'C2 H6 O2'
GOL non-polymer GLYCEROL 'C3 H8 O3'
LBL non-polymer '(2~{R},3~{R},4~{R},5~{R})-4-[(2~{S},3~{R},4~{S},5~{R},6~{R})-6-(hydroxymethyl)-3,4,5-tris(oxidanyl)oxan-2-yl]oxy-2,3,5, 6-tetrakis(oxidanyl)hexanal' 'C12 H22 O11'
#
# COMPACT_ATOMS: atom_id res chain seq x y z
N VAL A 3 -21.77 9.36 4.84
CA VAL A 3 -22.16 8.00 4.34
C VAL A 3 -21.08 6.97 4.73
N PRO A 4 -21.43 5.84 5.40
CA PRO A 4 -20.44 4.82 5.77
C PRO A 4 -20.15 3.88 4.61
N HIS A 5 -19.00 3.23 4.68
CA HIS A 5 -18.59 2.20 3.73
C HIS A 5 -18.80 0.84 4.35
N LYS A 6 -19.34 -0.08 3.58
CA LYS A 6 -19.39 -1.47 4.03
C LYS A 6 -19.35 -2.34 2.79
N SER A 7 -18.32 -3.18 2.67
CA SER A 7 -18.19 -3.99 1.47
C SER A 7 -17.59 -5.34 1.81
N SER A 8 -17.91 -6.32 0.98
CA SER A 8 -17.61 -7.71 1.27
C SER A 8 -16.23 -8.11 0.77
N LEU A 9 -15.63 -9.04 1.52
CA LEU A 9 -14.37 -9.69 1.15
C LEU A 9 -14.61 -11.19 1.25
N PRO A 10 -15.37 -11.74 0.30
CA PRO A 10 -16.01 -13.04 0.55
C PRO A 10 -15.03 -14.20 0.66
N GLU A 11 -13.79 -14.03 0.23
CA GLU A 11 -12.78 -15.09 0.33
C GLU A 11 -11.69 -14.77 1.34
N GLY A 12 -11.93 -13.82 2.22
CA GLY A 12 -10.92 -13.37 3.14
C GLY A 12 -9.88 -12.51 2.45
N ILE A 13 -8.80 -12.24 3.18
CA ILE A 13 -7.69 -11.45 2.65
C ILE A 13 -6.40 -12.23 2.90
N ALA A 14 -5.29 -11.65 2.48
CA ALA A 14 -4.03 -12.36 2.51
C ALA A 14 -2.91 -11.35 2.68
N PRO A 15 -1.72 -11.82 3.02
CA PRO A 15 -0.57 -10.91 3.07
C PRO A 15 -0.40 -10.24 1.72
N GLY A 16 -0.29 -8.92 1.75
CA GLY A 16 -0.33 -8.11 0.56
C GLY A 16 -1.65 -7.42 0.29
N THR A 17 -2.69 -7.72 1.07
CA THR A 17 -3.93 -6.98 0.96
C THR A 17 -3.71 -5.58 1.55
N VAL A 18 -4.09 -4.54 0.81
CA VAL A 18 -3.94 -3.16 1.27
C VAL A 18 -5.30 -2.48 1.22
N LEU A 19 -5.71 -1.89 2.34
CA LEU A 19 -6.91 -1.06 2.42
C LEU A 19 -6.46 0.40 2.46
N ARG A 20 -6.87 1.19 1.47
CA ARG A 20 -6.51 2.62 1.43
C ARG A 20 -7.78 3.44 1.68
N ILE A 21 -7.72 4.29 2.67
CA ILE A 21 -8.84 5.15 3.05
C ILE A 21 -8.38 6.61 2.98
N ARG A 22 -9.09 7.39 2.17
CA ARG A 22 -8.86 8.82 2.04
C ARG A 22 -10.14 9.53 2.47
N GLY A 23 -9.99 10.55 3.31
CA GLY A 23 -11.17 11.27 3.72
C GLY A 23 -10.82 12.50 4.52
N LEU A 24 -11.78 12.94 5.32
CA LEU A 24 -11.61 14.13 6.14
C LEU A 24 -12.31 13.95 7.48
N VAL A 25 -11.65 14.42 8.53
CA VAL A 25 -12.20 14.41 9.88
C VAL A 25 -13.04 15.66 10.04
N PRO A 26 -14.35 15.54 10.24
CA PRO A 26 -15.16 16.74 10.43
C PRO A 26 -14.63 17.57 11.57
N PRO A 27 -14.82 18.88 11.50
CA PRO A 27 -14.28 19.78 12.54
C PRO A 27 -14.94 19.61 13.90
N ASN A 28 -16.07 18.93 13.98
CA ASN A 28 -16.67 18.62 15.27
C ASN A 28 -16.65 17.12 15.56
N ALA A 29 -15.76 16.38 14.92
CA ALA A 29 -15.82 14.92 15.02
C ALA A 29 -15.50 14.46 16.43
N SER A 30 -16.16 13.40 16.88
CA SER A 30 -15.74 12.74 18.12
C SER A 30 -14.85 11.53 17.85
N ARG A 31 -15.31 10.59 17.02
CA ARG A 31 -14.57 9.37 16.75
C ARG A 31 -15.13 8.70 15.50
N PHE A 32 -14.28 7.89 14.85
CA PHE A 32 -14.66 7.08 13.69
C PHE A 32 -13.89 5.77 13.76
N HIS A 33 -14.22 4.85 12.85
CA HIS A 33 -13.73 3.50 12.97
C HIS A 33 -13.53 2.89 11.60
N VAL A 34 -12.55 1.99 11.54
CA VAL A 34 -12.35 1.07 10.43
C VAL A 34 -12.37 -0.34 11.00
N ASN A 35 -13.31 -1.16 10.56
CA ASN A 35 -13.42 -2.54 11.03
C ASN A 35 -13.19 -3.55 9.91
N LEU A 36 -12.41 -4.59 10.22
CA LEU A 36 -12.35 -5.82 9.43
C LEU A 36 -13.05 -6.90 10.23
N LEU A 37 -14.20 -7.34 9.73
CA LEU A 37 -15.10 -8.22 10.46
C LEU A 37 -15.17 -9.57 9.76
N CYS A 38 -15.50 -10.59 10.53
CA CYS A 38 -15.46 -11.96 10.02
C CYS A 38 -16.83 -12.46 9.57
N GLY A 39 -17.79 -11.60 9.53
CA GLY A 39 -19.09 -12.05 9.12
C GLY A 39 -19.92 -10.84 8.82
N GLU A 40 -21.25 -11.01 8.73
CA GLU A 40 -22.18 -9.86 8.51
C GLU A 40 -23.21 -9.78 9.65
N GLU A 41 -23.75 -10.90 10.18
CA GLU A 41 -24.77 -10.70 11.18
C GLU A 41 -24.04 -10.54 12.50
N GLN A 42 -24.77 -10.09 13.48
CA GLN A 42 -24.35 -10.06 14.89
C GLN A 42 -23.35 -8.92 15.06
N GLY A 43 -22.90 -8.66 16.28
CA GLY A 43 -21.61 -8.04 16.44
C GLY A 43 -20.56 -9.02 16.00
N SER A 44 -20.47 -9.28 14.68
CA SER A 44 -19.56 -10.30 14.18
C SER A 44 -18.18 -10.07 14.76
N ASP A 45 -17.40 -11.15 14.85
CA ASP A 45 -16.02 -11.08 15.31
C ASP A 45 -15.24 -10.04 14.49
N ALA A 46 -14.40 -9.27 15.16
CA ALA A 46 -13.60 -8.24 14.50
C ALA A 46 -12.15 -8.67 14.53
N ALA A 47 -11.58 -8.90 13.34
CA ALA A 47 -10.14 -9.15 13.27
C ALA A 47 -9.37 -7.86 13.54
N LEU A 48 -9.92 -6.72 13.12
CA LEU A 48 -9.33 -5.43 13.39
C LEU A 48 -10.44 -4.43 13.61
N HIS A 49 -10.35 -3.71 14.72
CA HIS A 49 -11.12 -2.52 15.04
C HIS A 49 -10.10 -1.41 15.25
N PHE A 50 -10.11 -0.41 14.37
CA PHE A 50 -9.19 0.72 14.36
C PHE A 50 -10.03 1.96 14.62
N ASN A 51 -9.82 2.64 15.75
CA ASN A 51 -10.81 3.59 16.28
C ASN A 51 -10.15 4.88 16.68
N PRO A 52 -9.92 5.79 15.73
CA PRO A 52 -9.40 7.12 16.10
C PRO A 52 -10.46 7.86 16.91
N ARG A 53 -10.06 8.38 18.07
CA ARG A 53 -10.95 9.03 19.02
C ARG A 53 -10.45 10.44 19.24
N LEU A 54 -11.11 11.40 18.58
CA LEU A 54 -10.70 12.79 18.70
C LEU A 54 -11.13 13.32 20.06
N ASP A 55 -12.26 12.82 20.57
CA ASP A 55 -12.78 13.34 21.85
C ASP A 55 -11.89 12.95 23.03
N THR A 56 -11.31 11.76 23.01
CA THR A 56 -10.44 11.31 24.10
C THR A 56 -8.98 11.23 23.70
N SER A 57 -8.60 11.83 22.57
CA SER A 57 -7.22 11.94 22.09
C SER A 57 -6.47 10.61 22.18
N GLU A 58 -6.98 9.60 21.48
CA GLU A 58 -6.33 8.30 21.43
C GLU A 58 -6.75 7.58 20.15
N VAL A 59 -5.90 6.68 19.67
CA VAL A 59 -6.31 5.75 18.62
C VAL A 59 -6.21 4.34 19.19
N VAL A 60 -7.35 3.66 19.27
CA VAL A 60 -7.45 2.34 19.88
C VAL A 60 -7.54 1.28 18.77
N PHE A 61 -6.76 0.23 18.95
CA PHE A 61 -6.81 -0.97 18.14
C PHE A 61 -7.28 -2.14 18.99
N ASN A 62 -8.15 -2.99 18.43
CA ASN A 62 -8.57 -4.16 19.19
C ASN A 62 -9.18 -5.17 18.23
N SER A 63 -9.39 -6.39 18.75
CA SER A 63 -10.12 -7.46 18.10
C SER A 63 -11.32 -7.79 18.99
N LYS A 64 -12.30 -8.51 18.44
CA LYS A 64 -13.43 -9.02 19.22
C LYS A 64 -13.75 -10.44 18.77
N GLU A 65 -13.96 -11.32 19.75
CA GLU A 65 -14.23 -12.73 19.47
C GLU A 65 -15.36 -13.18 20.38
N GLN A 66 -16.41 -13.73 19.76
CA GLN A 66 -17.56 -14.29 20.47
C GLN A 66 -18.10 -13.30 21.50
N GLY A 67 -18.20 -12.03 21.09
CA GLY A 67 -18.75 -11.00 21.96
C GLY A 67 -17.79 -10.32 22.89
N SER A 68 -16.55 -10.79 23.03
CA SER A 68 -15.62 -10.20 23.98
C SER A 68 -14.45 -9.50 23.26
N TRP A 69 -14.16 -8.30 23.73
CA TRP A 69 -13.01 -7.56 23.23
C TRP A 69 -11.70 -8.12 23.77
N GLY A 70 -10.67 -8.01 22.94
CA GLY A 70 -9.32 -8.36 23.32
C GLY A 70 -8.63 -7.31 24.16
N ARG A 71 -7.31 -7.45 24.23
CA ARG A 71 -6.51 -6.42 24.87
C ARG A 71 -6.38 -5.22 23.94
N GLU A 72 -6.65 -4.03 24.47
CA GLU A 72 -6.54 -2.81 23.67
C GLU A 72 -5.08 -2.47 23.44
N GLU A 73 -4.77 -2.02 22.23
CA GLU A 73 -3.49 -1.39 21.92
C GLU A 73 -3.75 0.06 21.52
N ARG A 74 -2.83 0.94 21.88
CA ARG A 74 -2.94 2.33 21.48
C ARG A 74 -1.70 2.72 20.69
N GLY A 75 -1.92 3.53 19.67
CA GLY A 75 -0.82 4.10 18.91
C GLY A 75 -0.23 5.32 19.60
N PRO A 76 0.95 5.74 19.10
CA PRO A 76 1.65 6.90 19.68
C PRO A 76 1.11 8.21 19.14
N GLY A 77 0.37 8.92 19.99
CA GLY A 77 -0.23 10.19 19.62
C GLY A 77 -1.48 9.96 18.78
N VAL A 78 -1.99 11.05 18.22
CA VAL A 78 -3.19 11.02 17.39
C VAL A 78 -2.88 11.69 16.06
N PRO A 79 -2.61 10.91 15.00
CA PRO A 79 -2.18 11.50 13.72
C PRO A 79 -3.38 11.86 12.84
N PHE A 80 -4.40 12.42 13.49
CA PHE A 80 -5.60 12.93 12.86
C PHE A 80 -5.95 14.24 13.55
N GLN A 81 -6.65 15.11 12.84
CA GLN A 81 -7.04 16.39 13.42
C GLN A 81 -8.41 16.77 12.89
N ARG A 82 -9.25 17.27 13.80
CA ARG A 82 -10.55 17.80 13.41
C ARG A 82 -10.39 18.80 12.29
N GLY A 83 -11.18 18.60 11.24
CA GLY A 83 -11.12 19.44 10.07
C GLY A 83 -10.06 19.07 9.05
N GLN A 84 -9.23 18.07 9.32
CA GLN A 84 -8.12 17.86 8.39
C GLN A 84 -8.31 16.59 7.57
N PRO A 85 -7.89 16.62 6.31
CA PRO A 85 -7.91 15.39 5.49
C PRO A 85 -6.81 14.43 5.93
N PHE A 86 -7.03 13.15 5.61
CA PHE A 86 -6.09 12.11 6.00
C PHE A 86 -6.02 11.01 4.95
N GLU A 87 -4.94 10.25 4.98
CA GLU A 87 -4.84 8.99 4.24
C GLU A 87 -4.34 7.91 5.18
N VAL A 88 -5.09 6.81 5.24
CA VAL A 88 -4.71 5.66 6.00
C VAL A 88 -4.49 4.50 5.04
N LEU A 89 -3.38 3.79 5.22
CA LEU A 89 -3.22 2.45 4.67
C LEU A 89 -3.27 1.45 5.82
N ILE A 90 -4.10 0.43 5.67
CA ILE A 90 -4.05 -0.76 6.51
C ILE A 90 -3.50 -1.90 5.66
N ILE A 91 -2.30 -2.37 6.02
CA ILE A 91 -1.55 -3.33 5.20
C ILE A 91 -1.47 -4.65 5.95
N ALA A 92 -1.98 -5.72 5.35
CA ALA A 92 -1.92 -7.04 5.96
C ALA A 92 -0.60 -7.71 5.60
N SER A 93 0.11 -8.19 6.60
CA SER A 93 1.23 -9.10 6.40
C SER A 93 0.84 -10.42 7.04
N ASP A 94 1.78 -11.38 7.05
CA ASP A 94 1.53 -12.66 7.70
C ASP A 94 1.49 -12.53 9.21
N ASP A 95 2.11 -11.50 9.75
CA ASP A 95 2.24 -11.31 11.19
C ASP A 95 1.20 -10.35 11.76
N GLY A 96 0.73 -9.39 10.99
CA GLY A 96 -0.23 -8.44 11.52
C GLY A 96 -0.59 -7.38 10.52
N PHE A 97 -1.20 -6.32 11.03
CA PHE A 97 -1.62 -5.17 10.24
C PHE A 97 -0.69 -4.01 10.50
N LYS A 98 -0.13 -3.47 9.43
CA LYS A 98 0.60 -2.22 9.48
C LYS A 98 -0.36 -1.09 9.17
N ALA A 99 -0.57 -0.20 10.14
CA ALA A 99 -1.36 1.00 9.94
C ALA A 99 -0.40 2.15 9.61
N VAL A 100 -0.56 2.71 8.42
CA VAL A 100 0.19 3.87 7.94
C VAL A 100 -0.75 5.08 7.92
N VAL A 101 -0.33 6.18 8.53
CA VAL A 101 -1.09 7.41 8.49
C VAL A 101 -0.19 8.53 7.98
N GLY A 102 -0.65 9.24 6.99
CA GLY A 102 0.19 10.29 6.42
C GLY A 102 1.40 9.63 5.78
N ASP A 103 2.60 10.05 6.18
CA ASP A 103 3.83 9.56 5.56
C ASP A 103 4.60 8.56 6.42
N ALA A 104 4.01 8.01 7.47
CA ALA A 104 4.78 7.14 8.35
C ALA A 104 3.95 5.98 8.91
N GLN A 105 4.60 4.86 9.14
CA GLN A 105 3.92 3.79 9.85
C GLN A 105 3.58 4.32 11.23
N TYR A 106 2.35 4.09 11.65
CA TYR A 106 1.85 4.57 12.91
C TYR A 106 1.84 3.49 13.97
N HIS A 107 1.41 2.28 13.63
CA HIS A 107 1.36 1.18 14.61
C HIS A 107 1.31 -0.13 13.85
N HIS A 108 1.92 -1.17 14.43
CA HIS A 108 1.81 -2.53 13.94
C HIS A 108 0.97 -3.35 14.92
N PHE A 109 -0.15 -3.90 14.43
CA PHE A 109 -1.11 -4.66 15.24
C PHE A 109 -1.01 -6.13 14.86
N ARG A 110 -0.41 -6.93 15.73
CA ARG A 110 -0.26 -8.36 15.43
C ARG A 110 -1.64 -9.00 15.36
N HIS A 111 -1.78 -10.00 14.49
CA HIS A 111 -3.08 -10.60 14.29
C HIS A 111 -3.52 -11.34 15.55
N ARG A 112 -4.81 -11.26 15.84
CA ARG A 112 -5.44 -12.20 16.77
C ARG A 112 -6.28 -13.22 16.04
N LEU A 113 -6.99 -12.80 14.91
CA LEU A 113 -7.77 -13.71 14.07
C LEU A 113 -7.03 -13.99 12.77
N PRO A 114 -7.28 -15.18 12.19
CA PRO A 114 -6.68 -15.51 10.89
C PRO A 114 -7.24 -14.64 9.78
N LEU A 115 -6.36 -14.30 8.82
CA LEU A 115 -6.75 -13.44 7.71
C LEU A 115 -7.85 -14.06 6.86
N ALA A 116 -7.85 -15.40 6.76
CA ALA A 116 -8.81 -16.11 5.93
C ALA A 116 -10.23 -15.93 6.44
N ARG A 117 -10.41 -15.59 7.71
CA ARG A 117 -11.74 -15.44 8.26
C ARG A 117 -12.33 -14.05 8.02
N VAL A 118 -11.54 -13.10 7.54
CA VAL A 118 -12.07 -11.77 7.28
C VAL A 118 -13.10 -11.86 6.15
N ARG A 119 -14.16 -11.09 6.28
CA ARG A 119 -15.26 -11.16 5.32
C ARG A 119 -15.82 -9.80 4.97
N LEU A 120 -15.53 -8.75 5.72
CA LEU A 120 -16.21 -7.48 5.56
C LEU A 120 -15.30 -6.35 6.01
N VAL A 121 -15.31 -5.26 5.25
CA VAL A 121 -14.72 -4.00 5.68
CA VAL A 121 -14.71 -3.99 5.66
C VAL A 121 -15.84 -3.01 5.92
N GLU A 122 -15.76 -2.31 7.04
CA GLU A 122 -16.75 -1.31 7.39
C GLU A 122 -16.01 -0.09 7.91
N VAL A 123 -16.33 1.08 7.36
CA VAL A 123 -15.73 2.35 7.74
C VAL A 123 -16.88 3.34 8.04
N GLY A 124 -16.90 3.90 9.23
CA GLY A 124 -17.96 4.81 9.56
C GLY A 124 -17.70 5.58 10.83
N GLY A 125 -18.73 6.27 11.30
CA GLY A 125 -18.61 7.19 12.40
C GLY A 125 -18.47 8.60 11.89
N ASP A 126 -17.82 9.46 12.67
CA ASP A 126 -17.68 10.88 12.34
C ASP A 126 -16.52 11.03 11.36
N VAL A 127 -16.77 10.72 10.10
CA VAL A 127 -15.72 10.80 9.07
C VAL A 127 -16.40 11.05 7.75
N GLN A 128 -15.76 11.87 6.93
CA GLN A 128 -16.14 12.05 5.54
C GLN A 128 -15.15 11.28 4.67
N LEU A 129 -15.66 10.47 3.75
CA LEU A 129 -14.87 9.49 3.01
C LEU A 129 -14.84 9.94 1.57
N ASP A 130 -13.64 10.14 1.07
CA ASP A 130 -13.45 10.44 -0.33
C ASP A 130 -13.25 9.16 -1.13
N SER A 131 -12.53 8.20 -0.58
CA SER A 131 -12.30 6.94 -1.30
CA SER A 131 -12.37 6.93 -1.29
C SER A 131 -11.94 5.85 -0.29
N VAL A 132 -12.48 4.65 -0.50
CA VAL A 132 -12.08 3.45 0.21
C VAL A 132 -11.76 2.43 -0.88
N ARG A 133 -10.52 1.91 -0.88
CA ARG A 133 -10.08 0.96 -1.90
C ARG A 133 -9.41 -0.22 -1.25
N ILE A 134 -9.67 -1.42 -1.76
CA ILE A 134 -8.97 -2.62 -1.36
C ILE A 134 -8.12 -3.06 -2.52
N PHE A 135 -6.81 -3.13 -2.31
CA PHE A 135 -5.87 -3.53 -3.34
C PHE A 135 -5.25 -4.88 -3.02
N ASN B 2 17.17 15.98 -11.40
CA ASN B 2 16.32 14.94 -10.84
C ASN B 2 17.14 13.87 -10.12
N VAL B 3 17.24 14.04 -8.81
CA VAL B 3 18.00 13.10 -7.96
C VAL B 3 17.32 11.75 -7.97
N PRO B 4 18.02 10.66 -8.29
CA PRO B 4 17.44 9.32 -8.14
C PRO B 4 17.33 8.91 -6.67
N HIS B 5 16.51 7.89 -6.43
CA HIS B 5 16.39 7.27 -5.12
C HIS B 5 17.09 5.91 -5.17
N LYS B 6 17.89 5.60 -4.15
CA LYS B 6 18.47 4.28 -4.04
C LYS B 6 18.64 3.96 -2.57
N SER B 7 17.96 2.91 -2.09
CA SER B 7 18.00 2.60 -0.67
C SER B 7 18.03 1.10 -0.46
N SER B 8 18.75 0.71 0.58
CA SER B 8 18.99 -0.69 0.86
C SER B 8 17.82 -1.25 1.66
N LEU B 9 17.54 -2.53 1.41
CA LEU B 9 16.58 -3.34 2.18
C LEU B 9 17.33 -4.55 2.72
N PRO B 10 18.30 -4.33 3.60
CA PRO B 10 19.15 -5.46 4.04
C PRO B 10 18.33 -6.61 4.64
N GLU B 11 17.24 -6.30 5.34
CA GLU B 11 16.32 -7.30 5.89
C GLU B 11 15.40 -7.93 4.85
N GLY B 12 15.35 -7.38 3.63
CA GLY B 12 14.49 -7.89 2.59
C GLY B 12 13.09 -7.32 2.64
N ILE B 13 12.26 -7.82 1.75
CA ILE B 13 10.85 -7.45 1.73
C ILE B 13 10.03 -8.72 1.81
N ALA B 14 8.92 -8.63 2.51
CA ALA B 14 8.06 -9.77 2.73
C ALA B 14 6.70 -9.43 2.16
N PRO B 15 5.87 -10.44 1.92
CA PRO B 15 4.48 -10.17 1.55
C PRO B 15 3.87 -9.21 2.55
N GLY B 16 3.18 -8.21 2.04
CA GLY B 16 2.74 -7.12 2.88
C GLY B 16 3.65 -5.92 2.90
N THR B 17 4.64 -5.85 2.01
CA THR B 17 5.46 -4.65 1.85
C THR B 17 4.82 -3.77 0.78
N VAL B 18 4.73 -2.48 1.06
CA VAL B 18 4.24 -1.48 0.11
C VAL B 18 5.36 -0.48 -0.15
N LEU B 19 5.66 -0.25 -1.42
CA LEU B 19 6.51 0.83 -1.88
C LEU B 19 5.59 1.92 -2.44
N ARG B 20 5.62 3.11 -1.85
CA ARG B 20 4.81 4.24 -2.32
C ARG B 20 5.72 5.28 -2.95
N ILE B 21 5.44 5.63 -4.19
CA ILE B 21 6.23 6.58 -4.93
C ILE B 21 5.32 7.70 -5.40
N ARG B 22 5.69 8.92 -5.04
CA ARG B 22 4.97 10.12 -5.44
C ARG B 22 5.92 11.05 -6.16
N GLY B 23 5.48 11.59 -7.28
CA GLY B 23 6.31 12.55 -7.96
C GLY B 23 5.65 13.08 -9.21
N LEU B 24 6.48 13.54 -10.14
CA LEU B 24 5.97 14.25 -11.32
C LEU B 24 6.80 13.82 -12.52
N VAL B 25 6.12 13.60 -13.65
CA VAL B 25 6.75 13.35 -14.93
C VAL B 25 7.13 14.69 -15.57
N PRO B 26 8.41 14.89 -15.81
CA PRO B 26 8.86 16.16 -16.38
C PRO B 26 8.22 16.39 -17.73
N PRO B 27 8.08 17.63 -18.15
CA PRO B 27 7.39 17.87 -19.43
C PRO B 27 8.13 17.33 -20.66
N ASN B 28 9.43 17.06 -20.55
CA ASN B 28 10.21 16.52 -21.65
CA ASN B 28 10.15 16.49 -21.69
C ASN B 28 10.65 15.07 -21.40
N ALA B 29 9.89 14.33 -20.59
CA ALA B 29 10.33 13.02 -20.15
C ALA B 29 10.32 11.99 -21.29
N SER B 30 11.28 11.08 -21.23
CA SER B 30 11.28 9.89 -22.06
CA SER B 30 11.28 9.89 -22.06
C SER B 30 10.80 8.66 -21.28
N ARG B 31 11.52 8.29 -20.23
CA ARG B 31 11.24 7.07 -19.48
C ARG B 31 11.71 7.25 -18.04
N PHE B 32 11.09 6.50 -17.12
CA PHE B 32 11.65 6.31 -15.79
C PHE B 32 11.39 4.89 -15.30
N HIS B 33 12.00 4.56 -14.16
CA HIS B 33 11.98 3.16 -13.75
C HIS B 33 11.97 3.03 -12.23
N VAL B 34 11.40 1.93 -11.77
CA VAL B 34 11.40 1.47 -10.39
C VAL B 34 11.94 0.06 -10.44
N ASN B 35 13.09 -0.16 -9.83
CA ASN B 35 13.69 -1.48 -9.79
C ASN B 35 13.77 -1.98 -8.36
N LEU B 36 13.44 -3.27 -8.18
CA LEU B 36 13.71 -4.02 -6.98
C LEU B 36 14.82 -5.00 -7.33
N LEU B 37 16.01 -4.75 -6.79
CA LEU B 37 17.24 -5.39 -7.21
C LEU B 37 17.79 -6.33 -6.14
N CYS B 38 18.56 -7.30 -6.58
CA CYS B 38 19.05 -8.31 -5.67
C CYS B 38 20.44 -8.01 -5.15
N GLY B 39 20.96 -6.81 -5.39
CA GLY B 39 22.29 -6.44 -4.93
C GLY B 39 22.69 -5.07 -5.42
N GLU B 40 23.80 -4.59 -4.86
CA GLU B 40 24.26 -3.22 -5.08
C GLU B 40 25.02 -3.07 -6.40
N GLU B 41 25.73 -4.12 -6.82
CA GLU B 41 26.62 -4.03 -7.99
C GLU B 41 25.82 -3.75 -9.26
N GLN B 42 26.47 -3.05 -10.22
CA GLN B 42 25.88 -2.74 -11.57
C GLN B 42 25.59 -4.08 -12.24
N GLY B 43 24.46 -4.20 -12.94
CA GLY B 43 24.07 -5.46 -13.56
C GLY B 43 23.53 -6.48 -12.60
N SER B 44 23.26 -6.11 -11.35
CA SER B 44 22.65 -7.05 -10.42
C SER B 44 21.29 -7.48 -10.94
N ASP B 45 20.91 -8.70 -10.59
CA ASP B 45 19.58 -9.21 -10.95
C ASP B 45 18.46 -8.33 -10.40
N ALA B 46 17.37 -8.26 -11.15
CA ALA B 46 16.20 -7.46 -10.78
C ALA B 46 15.00 -8.37 -10.64
N ALA B 47 14.41 -8.41 -9.43
CA ALA B 47 13.14 -9.11 -9.26
C ALA B 47 12.02 -8.41 -10.00
N LEU B 48 12.11 -7.08 -10.08
CA LEU B 48 11.11 -6.29 -10.77
C LEU B 48 11.77 -5.07 -11.36
N HIS B 49 11.47 -4.83 -12.63
CA HIS B 49 11.82 -3.63 -13.37
C HIS B 49 10.49 -3.10 -13.91
N PHE B 50 10.09 -1.95 -13.40
CA PHE B 50 8.84 -1.26 -13.75
C PHE B 50 9.22 0.00 -14.50
N ASN B 51 8.87 0.08 -15.77
CA ASN B 51 9.46 1.08 -16.67
C ASN B 51 8.39 1.79 -17.47
N PRO B 52 7.77 2.84 -16.89
CA PRO B 52 6.86 3.69 -17.67
C PRO B 52 7.62 4.45 -18.75
N ARG B 53 7.14 4.36 -19.97
CA ARG B 53 7.83 4.84 -21.15
C ARG B 53 6.92 5.85 -21.84
N LEU B 54 7.24 7.11 -21.66
CA LEU B 54 6.41 8.14 -22.25
C LEU B 54 6.73 8.27 -23.73
N ASP B 55 7.98 7.99 -24.09
CA ASP B 55 8.45 8.14 -25.47
C ASP B 55 7.77 7.11 -26.39
N THR B 56 7.58 5.88 -25.92
CA THR B 56 6.94 4.83 -26.71
C THR B 56 5.54 4.45 -26.21
N SER B 57 4.94 5.27 -25.37
CA SER B 57 3.58 5.07 -24.85
C SER B 57 3.31 3.63 -24.41
N GLU B 58 4.06 3.18 -23.40
CA GLU B 58 3.88 1.84 -22.84
C GLU B 58 4.48 1.80 -21.45
N VAL B 59 4.05 0.82 -20.66
CA VAL B 59 4.68 0.53 -19.37
C VAL B 59 5.13 -0.92 -19.40
N VAL B 60 6.43 -1.12 -19.34
CA VAL B 60 7.02 -2.44 -19.44
C VAL B 60 7.40 -2.91 -18.06
N PHE B 61 7.12 -4.19 -17.80
CA PHE B 61 7.52 -4.92 -16.60
C PHE B 61 8.45 -6.03 -17.02
N ASN B 62 9.49 -6.27 -16.22
CA ASN B 62 10.36 -7.38 -16.52
C ASN B 62 11.19 -7.72 -15.30
N SER B 63 11.94 -8.81 -15.45
CA SER B 63 12.95 -9.25 -14.50
CA SER B 63 12.96 -9.20 -14.49
C SER B 63 14.28 -9.37 -15.23
N LYS B 64 15.36 -9.48 -14.47
CA LYS B 64 16.68 -9.70 -15.04
C LYS B 64 17.45 -10.70 -14.19
N GLU B 65 18.04 -11.69 -14.85
CA GLU B 65 18.88 -12.68 -14.21
C GLU B 65 20.10 -12.96 -15.09
N GLN B 66 21.26 -13.02 -14.46
CA GLN B 66 22.52 -13.29 -15.13
C GLN B 66 22.74 -12.33 -16.29
N GLY B 67 22.40 -11.07 -16.10
CA GLY B 67 22.59 -10.09 -17.14
C GLY B 67 21.61 -10.15 -18.28
N SER B 68 20.63 -11.06 -18.27
CA SER B 68 19.67 -11.17 -19.36
C SER B 68 18.26 -10.81 -18.89
N TRP B 69 17.61 -9.93 -19.63
CA TRP B 69 16.22 -9.60 -19.38
C TRP B 69 15.33 -10.79 -19.68
N GLY B 70 14.23 -10.90 -18.94
CA GLY B 70 13.24 -11.93 -19.16
C GLY B 70 12.19 -11.55 -20.20
N ARG B 71 11.08 -12.29 -20.15
CA ARG B 71 9.88 -12.00 -20.92
C ARG B 71 9.25 -10.68 -20.45
N GLU B 72 9.01 -9.77 -21.39
CA GLU B 72 8.38 -8.51 -21.05
C GLU B 72 6.88 -8.68 -20.85
N GLU B 73 6.34 -7.96 -19.87
CA GLU B 73 4.91 -7.81 -19.70
C GLU B 73 4.60 -6.33 -19.80
N ARG B 74 3.46 -6.03 -20.42
CA ARG B 74 3.02 -4.65 -20.60
C ARG B 74 1.70 -4.47 -19.90
N GLY B 75 1.55 -3.35 -19.23
CA GLY B 75 0.27 -2.99 -18.66
C GLY B 75 -0.64 -2.36 -19.68
N PRO B 76 -1.89 -2.16 -19.26
CA PRO B 76 -2.92 -1.64 -20.18
C PRO B 76 -2.93 -0.13 -20.24
N GLY B 77 -2.37 0.43 -21.30
CA GLY B 77 -2.35 1.86 -21.49
C GLY B 77 -1.18 2.46 -20.73
N VAL B 78 -1.20 3.78 -20.61
CA VAL B 78 -0.12 4.51 -19.97
C VAL B 78 -0.73 5.52 -19.00
N PRO B 79 -0.88 5.16 -17.72
CA PRO B 79 -1.48 6.05 -16.71
C PRO B 79 -0.48 7.08 -16.20
N PHE B 80 0.26 7.68 -17.14
CA PHE B 80 1.26 8.70 -16.84
C PHE B 80 1.16 9.75 -17.94
N GLN B 81 1.55 10.97 -17.61
CA GLN B 81 1.51 12.04 -18.59
C GLN B 81 2.63 13.04 -18.29
N ARG B 82 3.33 13.46 -19.33
CA ARG B 82 4.32 14.51 -19.15
C ARG B 82 3.67 15.74 -18.50
N GLY B 83 4.36 16.28 -17.51
CA GLY B 83 3.87 17.45 -16.82
C GLY B 83 2.89 17.16 -15.71
N GLN B 84 2.52 15.88 -15.49
CA GLN B 84 1.51 15.58 -14.47
C GLN B 84 2.07 14.78 -13.29
N PRO B 85 1.55 15.02 -12.09
CA PRO B 85 1.98 14.24 -10.94
C PRO B 85 1.35 12.86 -10.94
N PHE B 86 1.99 11.93 -10.24
CA PHE B 86 1.52 10.56 -10.17
C PHE B 86 1.74 10.00 -8.77
N GLU B 87 1.07 8.88 -8.53
CA GLU B 87 1.29 8.08 -7.33
C GLU B 87 1.26 6.62 -7.71
N VAL B 88 2.32 5.89 -7.36
CA VAL B 88 2.42 4.47 -7.63
C VAL B 88 2.55 3.74 -6.29
N LEU B 89 1.79 2.66 -6.13
CA LEU B 89 2.07 1.67 -5.10
C LEU B 89 2.61 0.43 -5.81
N ILE B 90 3.72 -0.10 -5.31
CA ILE B 90 4.13 -1.45 -5.64
C ILE B 90 3.94 -2.27 -4.39
N ILE B 91 3.07 -3.28 -4.46
CA ILE B 91 2.66 -4.08 -3.30
C ILE B 91 3.12 -5.51 -3.48
N ALA B 92 3.98 -5.98 -2.57
CA ALA B 92 4.41 -7.37 -2.60
C ALA B 92 3.42 -8.27 -1.87
N SER B 93 3.03 -9.37 -2.51
CA SER B 93 2.23 -10.46 -1.94
C SER B 93 3.00 -11.78 -2.05
N ASP B 94 2.36 -12.87 -1.64
CA ASP B 94 2.99 -14.19 -1.78
C ASP B 94 3.13 -14.57 -3.26
N ASP B 95 2.26 -14.02 -4.11
CA ASP B 95 2.21 -14.41 -5.53
C ASP B 95 2.95 -13.46 -6.44
N GLY B 96 3.10 -12.19 -6.09
CA GLY B 96 3.74 -11.30 -7.02
C GLY B 96 3.71 -9.88 -6.52
N PHE B 97 3.87 -8.97 -7.46
CA PHE B 97 3.84 -7.53 -7.22
C PHE B 97 2.59 -6.93 -7.88
N LYS B 98 1.83 -6.20 -7.10
CA LYS B 98 0.70 -5.46 -7.62
C LYS B 98 1.11 -4.02 -7.82
N ALA B 99 0.92 -3.51 -9.02
CA ALA B 99 1.22 -2.12 -9.33
C ALA B 99 -0.10 -1.35 -9.35
N VAL B 100 -0.21 -0.38 -8.46
CA VAL B 100 -1.37 0.50 -8.41
C VAL B 100 -0.90 1.88 -8.85
N VAL B 101 -1.62 2.48 -9.77
CA VAL B 101 -1.34 3.84 -10.24
C VAL B 101 -2.62 4.62 -10.07
N GLY B 102 -2.52 5.79 -9.47
CA GLY B 102 -3.72 6.56 -9.19
C GLY B 102 -4.65 5.78 -8.29
N ASP B 103 -5.89 5.57 -8.72
CA ASP B 103 -6.90 4.94 -7.89
C ASP B 103 -7.17 3.48 -8.26
N ALA B 104 -6.39 2.87 -9.15
CA ALA B 104 -6.73 1.53 -9.62
C ALA B 104 -5.50 0.65 -9.75
N GLN B 105 -5.70 -0.64 -9.48
CA GLN B 105 -4.66 -1.58 -9.81
C GLN B 105 -4.43 -1.49 -11.31
N TYR B 106 -3.18 -1.47 -11.67
CA TYR B 106 -2.79 -1.36 -13.06
C TYR B 106 -2.33 -2.70 -13.62
N HIS B 107 -1.53 -3.44 -12.89
CA HIS B 107 -0.99 -4.71 -13.41
C HIS B 107 -0.50 -5.55 -12.24
N HIS B 108 -0.55 -6.86 -12.42
CA HIS B 108 0.00 -7.80 -11.48
C HIS B 108 1.12 -8.57 -12.15
N PHE B 109 2.27 -8.60 -11.50
CA PHE B 109 3.50 -9.20 -12.01
C PHE B 109 3.85 -10.37 -11.10
N ARG B 110 3.63 -11.57 -11.57
CA ARG B 110 3.96 -12.75 -10.76
C ARG B 110 5.45 -12.82 -10.48
N HIS B 111 5.80 -13.29 -9.28
CA HIS B 111 7.20 -13.44 -8.93
C HIS B 111 7.91 -14.39 -9.89
N ARG B 112 9.06 -13.98 -10.40
CA ARG B 112 9.95 -14.91 -11.09
C ARG B 112 11.09 -15.30 -10.16
N LEU B 113 11.86 -14.32 -9.70
CA LEU B 113 12.84 -14.53 -8.67
C LEU B 113 12.17 -14.69 -7.30
N PRO B 114 12.78 -15.43 -6.38
CA PRO B 114 12.25 -15.45 -5.01
C PRO B 114 12.26 -14.06 -4.41
N LEU B 115 11.15 -13.73 -3.75
CA LEU B 115 11.04 -12.44 -3.09
C LEU B 115 12.21 -12.22 -2.14
N ALA B 116 12.73 -13.29 -1.53
CA ALA B 116 13.83 -13.16 -0.58
C ALA B 116 15.13 -12.64 -1.22
N ARG B 117 15.23 -12.61 -2.53
CA ARG B 117 16.49 -12.10 -3.09
C ARG B 117 16.53 -10.58 -3.16
N VAL B 118 15.42 -9.88 -2.90
CA VAL B 118 15.40 -8.42 -3.00
C VAL B 118 16.08 -7.78 -1.80
N ARG B 119 17.00 -6.86 -2.05
CA ARG B 119 17.65 -6.15 -0.96
C ARG B 119 17.93 -4.69 -1.29
N LEU B 120 17.43 -4.18 -2.42
CA LEU B 120 17.69 -2.80 -2.84
C LEU B 120 16.51 -2.31 -3.68
N VAL B 121 16.17 -1.03 -3.50
CA VAL B 121 15.14 -0.37 -4.29
CA VAL B 121 15.13 -0.36 -4.27
C VAL B 121 15.79 0.82 -4.97
N GLU B 122 15.55 0.97 -6.26
CA GLU B 122 16.09 2.05 -7.03
C GLU B 122 14.98 2.74 -7.80
N VAL B 123 14.93 4.06 -7.76
CA VAL B 123 14.01 4.81 -8.61
C VAL B 123 14.80 5.87 -9.34
N GLY B 124 14.74 5.86 -10.67
CA GLY B 124 15.46 6.83 -11.45
C GLY B 124 14.91 7.05 -12.85
N GLY B 125 15.68 7.78 -13.64
CA GLY B 125 15.26 8.10 -14.99
C GLY B 125 14.69 9.49 -15.02
N ASP B 126 13.78 9.75 -15.97
CA ASP B 126 13.17 11.07 -16.14
C ASP B 126 11.96 11.18 -15.22
N VAL B 127 12.23 11.51 -13.97
CA VAL B 127 11.16 11.58 -12.97
C VAL B 127 11.63 12.54 -11.88
N GLN B 128 10.72 13.39 -11.44
CA GLN B 128 10.91 14.25 -10.29
C GLN B 128 10.25 13.60 -9.10
N LEU B 129 11.03 13.26 -8.09
CA LEU B 129 10.54 12.48 -6.96
C LEU B 129 10.20 13.43 -5.81
N ASP B 130 8.95 13.35 -5.37
CA ASP B 130 8.52 14.02 -4.16
C ASP B 130 8.70 13.16 -2.91
N SER B 131 8.39 11.88 -2.99
CA SER B 131 8.62 10.99 -1.86
C SER B 131 8.63 9.54 -2.32
N VAL B 132 9.55 8.79 -1.75
CA VAL B 132 9.62 7.35 -1.89
C VAL B 132 9.57 6.78 -0.48
N ARG B 133 8.61 5.89 -0.22
CA ARG B 133 8.64 5.21 1.08
C ARG B 133 8.30 3.74 0.98
N ILE B 134 8.88 3.00 1.90
CA ILE B 134 8.72 1.55 1.99
C ILE B 134 8.06 1.24 3.33
N PHE B 135 6.87 0.67 3.28
CA PHE B 135 6.13 0.33 4.49
C PHE B 135 6.00 -1.19 4.68
C1 LBL C . -11.18 2.80 27.87
C10 LBL C . -15.66 0.88 22.91
C11 LBL C . -14.52 0.26 27.27
C12 LBL C . -15.64 1.22 27.48
C2 LBL C . -11.94 1.50 27.69
C3 LBL C . -12.73 1.69 26.36
C4 LBL C . -13.72 0.60 25.96
C5 LBL C . -14.62 0.28 23.84
C6 LBL C . -13.61 -0.96 22.14
C7 LBL C . -12.26 -1.34 21.71
C8 LBL C . -14.47 -0.26 21.09
C9 LBL C . -15.86 -0.03 21.70
O1 LBL C . -10.00 2.75 27.86
O10 LBL C . -14.95 -1.05 27.13
O11 LBL C . -16.13 0.98 28.77
O2 LBL C . -11.05 0.40 27.62
O3 LBL C . -11.80 1.98 25.32
O4 LBL C . -14.42 1.19 24.90
O5 LBL C . -13.39 -0.09 23.23
O6 LBL C . -11.58 -1.86 22.79
O7 LBL C . -13.92 0.95 20.66
O8 LBL C . -16.81 0.52 20.84
O9 LBL C . -16.86 1.01 23.62
H1 LBL C . -11.63 3.60 27.99
H16 LBL C . -15.39 1.76 22.58
H18 LBL C . -13.95 0.35 28.05
H20 LBL C . -16.34 1.07 26.82
H21 LBL C . -15.32 2.13 27.41
H2 LBL C . -12.53 1.31 28.43
H4 LBL C . -13.34 2.44 26.52
H6 LBL C . -13.37 -0.26 25.65
H7 LBL C . -14.96 -0.57 24.16
H8 LBL C . -14.12 -1.75 22.36
H10 LBL C . -11.79 -0.57 21.38
H9 LBL C . -12.32 -2.01 21.00
H12 LBL C . -14.52 -0.83 20.30
H14 LBL C . -16.21 -0.91 21.94
H19 LBL C . -15.77 -1.05 26.91
H22 LBL C . -16.82 0.48 28.74
H3 LBL C . -10.27 0.73 27.59
H5 LBL C . -11.94 1.46 24.66
H11 LBL C . -10.84 -2.20 22.52
H13 LBL C . -14.29 1.10 19.91
H15 LBL C . -16.95 1.34 21.09
H17 LBL C . -16.79 1.60 24.23
C1 EDO D . -9.79 21.23 17.49
O1 EDO D . -8.68 20.30 17.27
C2 EDO D . -10.88 20.61 18.40
O2 EDO D . -10.47 20.27 19.73
H11 EDO D . -10.18 21.49 16.61
H12 EDO D . -9.45 22.06 17.92
HO1 EDO D . -8.05 20.61 16.76
H21 EDO D . -11.22 19.79 17.98
H22 EDO D . -11.66 21.23 18.46
HO2 EDO D . -9.81 20.75 20.00
C1 EDO E . -20.15 12.40 7.19
O1 EDO E . -19.11 13.34 7.63
C2 EDO E . -20.68 11.52 8.32
O2 EDO E . -21.75 10.59 7.98
H11 EDO E . -19.78 11.82 6.46
H12 EDO E . -20.90 12.91 6.79
HO1 EDO E . -18.77 13.83 7.01
H21 EDO E . -21.00 12.09 9.06
H22 EDO E . -19.94 10.97 8.69
HO2 EDO E . -22.21 10.87 7.30
C1 GOL F . -1.56 11.63 2.31
O1 GOL F . -0.61 10.76 2.91
C2 GOL F . -2.46 12.29 3.35
O2 GOL F . -1.72 13.15 4.21
C3 GOL F . -3.63 13.03 2.75
O3 GOL F . -3.77 14.34 3.31
H11 GOL F . -1.10 12.34 1.81
H12 GOL F . -2.13 11.12 1.68
HO1 GOL F . -0.82 9.96 2.77
H2 GOL F . -2.83 11.57 3.91
HO2 GOL F . -1.81 12.87 4.99
H31 GOL F . -4.46 12.52 2.91
H32 GOL F . -3.51 13.12 1.78
HO3 GOL F . -4.26 14.27 4.00
C1 LBL G . 10.48 -3.72 -27.39
C10 LBL G . 15.28 -1.51 -22.57
C11 LBL G . 14.91 -4.02 -26.16
C12 LBL G . 15.44 -2.81 -26.92
C2 LBL G . 11.84 -4.22 -26.90
C3 LBL G . 12.48 -3.27 -25.88
C4 LBL G . 13.78 -3.68 -25.17
C5 LBL G . 14.76 -2.85 -23.10
C6 LBL G . 14.39 -3.64 -20.89
C7 LBL G . 13.30 -4.38 -20.12
C8 LBL G . 14.89 -2.35 -20.24
C9 LBL G . 15.88 -1.70 -21.17
O1 LBL G . 10.33 -2.62 -27.80
O10 LBL G . 15.95 -4.63 -25.48
O11 LBL G . 14.64 -2.51 -28.02
O2 LBL G . 11.64 -5.44 -26.28
O3 LBL G . 11.58 -3.31 -24.86
O4 LBL G . 14.10 -2.61 -24.31
O5 LBL G . 13.88 -3.39 -22.16
O6 LBL G . 12.76 -5.25 -21.05
O7 LBL G . 13.95 -1.35 -20.04
O8 LBL G . 16.18 -0.44 -20.62
O9 LBL G . 16.27 -1.06 -23.44
H1 LBL G . 9.75 -4.30 -27.36
H16 LBL G . 14.55 -0.87 -22.56
H18 LBL G . 14.59 -4.66 -26.80
H20 LBL G . 16.33 -3.03 -27.24
H21 LBL G . 15.51 -2.02 -26.36
H2 LBL G . 12.41 -4.33 -27.67
H4 LBL G . 12.53 -2.36 -26.20
H6 LBL G . 13.61 -4.46 -24.63
H7 LBL G . 15.51 -3.43 -23.21
H8 LBL G . 15.16 -4.23 -20.97
H10 LBL G . 13.68 -4.88 -19.38
H9 LBL G . 12.60 -3.81 -19.81
H12 LBL G . 15.30 -2.55 -19.40
H14 LBL G . 16.69 -2.23 -21.22
H19 LBL G . 15.80 -5.47 -25.44
H22 LBL G . 14.33 -1.72 -27.95
H3 LBL G . 12.27 -5.97 -26.47
H5 LBL G . 11.24 -4.07 -24.81
H11 LBL G . 13.37 -5.69 -21.44
H13 LBL G . 13.24 -1.65 -19.74
H15 LBL G . 15.47 -0.11 -20.29
H17 LBL G . 15.90 -0.81 -24.15
C1 EDO H . 14.66 3.71 -17.33
O1 EDO H . 14.18 5.08 -17.28
C2 EDO H . 14.57 3.20 -18.79
O2 EDO H . 15.30 4.00 -19.75
H11 EDO H . 14.11 3.13 -16.73
H12 EDO H . 15.60 3.67 -17.02
HO1 EDO H . 14.19 5.43 -16.47
H21 EDO H . 13.63 3.18 -19.07
H22 EDO H . 14.92 2.28 -18.85
HO2 EDO H . 15.37 4.82 -19.52
C1 EDO I . 17.79 -9.21 -23.31
O1 EDO I . 19.16 -9.14 -22.79
C2 EDO I . 17.78 -9.47 -24.82
O2 EDO I . 18.45 -8.40 -25.55
H11 EDO I . 17.31 -8.35 -23.14
H12 EDO I . 17.29 -9.93 -22.83
HO1 EDO I . 19.22 -8.83 -21.97
H21 EDO I . 16.84 -9.57 -25.14
H22 EDO I . 18.23 -10.34 -25.00
HO2 EDO I . 18.46 -8.49 -26.41
#